data_2PBG
#
_entry.id   2PBG
#
_cell.length_a   104.000
_cell.length_b   179.600
_cell.length_c   60.600
_cell.angle_alpha   90.00
_cell.angle_beta   90.00
_cell.angle_gamma   90.00
#
_symmetry.space_group_name_H-M   'C 2 2 21'
#
loop_
_entity.id
_entity.type
_entity.pdbx_description
1 polymer 6-PHOSPHO-BETA-D-GALACTOSIDASE
2 non-polymer 'SULFATE ION'
3 water water
#
_entity_poly.entity_id   1
_entity_poly.type   'polypeptide(L)'
_entity_poly.pdbx_seq_one_letter_code
;MTKTLPKDFIFGGATAAYQAEGATHTDGKGPVAWDKYLEDNYWYTAEPASDFYHKYPVDLELAEEYGVNGIRISIAWSRI
FPTGYGEVNEKGVEFYHKLFAECHKRHVEPFVTLHHFDTPEALHSNGDFLNRENIEHFIDYAAFCFEEFPEVNYWTTFNE
IGPIGDGQYLVGKFPPGIKYDLAKVFQSHHNMMVSHARAVKLYKDKGYKGEIGVVHALPTKYPYDPENPADVRAAELEDI
IHNKFILDATYLGHYCDKTMEGVNHILAENGGELDLRDEDFQALDAAKDLNDFLGINYYMSDWMQAFDGETEIIHNGKGE
KGSSKYQIKGVGRRVAPDYVPRTDWDWIIYPEGLYDQIMRVKNDYPNYKKIYITENGLGYKDEFVDNTVYDDGRIDYVKQ
HLEVLSDAIADGANVKGYFIWSLMDVFSWSNGYEKRYGLFYVDFDTQERYPKKSAHWYKKLAETQVIE
;
_entity_poly.pdbx_strand_id   A
#
loop_
_chem_comp.id
_chem_comp.type
_chem_comp.name
_chem_comp.formula
SO4 non-polymer 'SULFATE ION' 'O4 S -2'
#
# COMPACT_ATOMS: atom_id res chain seq x y z
N MET A 1 -15.51 28.55 1.88
CA MET A 1 -15.50 28.84 3.33
C MET A 1 -14.92 27.69 4.13
N THR A 2 -15.14 26.48 3.62
CA THR A 2 -14.62 25.27 4.26
C THR A 2 -13.27 24.93 3.66
N LYS A 3 -12.72 23.79 4.05
CA LYS A 3 -11.44 23.40 3.49
C LYS A 3 -11.69 23.15 2.01
N THR A 4 -10.79 23.64 1.16
CA THR A 4 -10.95 23.49 -0.26
C THR A 4 -9.69 22.91 -0.88
N LEU A 5 -9.85 21.98 -1.81
CA LEU A 5 -8.71 21.32 -2.45
C LEU A 5 -8.28 21.95 -3.77
N PRO A 6 -7.02 21.75 -4.17
CA PRO A 6 -6.51 22.31 -5.42
C PRO A 6 -7.43 22.02 -6.61
N LYS A 7 -7.43 22.94 -7.57
CA LYS A 7 -8.22 22.84 -8.79
C LYS A 7 -7.76 21.61 -9.53
N ASP A 8 -6.45 21.60 -9.80
CA ASP A 8 -5.77 20.53 -10.51
C ASP A 8 -5.57 19.24 -9.69
N PHE A 9 -6.23 19.15 -8.55
CA PHE A 9 -6.11 17.97 -7.69
C PHE A 9 -6.66 16.72 -8.36
N ILE A 10 -6.00 15.58 -8.17
CA ILE A 10 -6.50 14.34 -8.72
C ILE A 10 -7.33 13.64 -7.66
N PHE A 11 -8.59 13.38 -8.01
CA PHE A 11 -9.53 12.70 -7.11
C PHE A 11 -9.68 11.28 -7.65
N GLY A 12 -8.78 10.39 -7.25
CA GLY A 12 -8.84 9.03 -7.74
C GLY A 12 -9.35 7.92 -6.83
N GLY A 13 -9.38 6.72 -7.40
CA GLY A 13 -9.79 5.53 -6.70
C GLY A 13 -8.69 4.52 -6.96
N ALA A 14 -8.36 3.72 -5.97
CA ALA A 14 -7.30 2.75 -6.12
C ALA A 14 -7.83 1.33 -6.13
N THR A 15 -7.05 0.42 -6.70
CA THR A 15 -7.42 -1.01 -6.75
C THR A 15 -6.13 -1.80 -6.76
N ALA A 16 -6.23 -3.12 -6.71
CA ALA A 16 -5.07 -3.99 -6.74
C ALA A 16 -5.43 -5.12 -7.68
N ALA A 17 -4.41 -5.64 -8.36
CA ALA A 17 -4.60 -6.71 -9.32
C ALA A 17 -5.24 -7.97 -8.71
N TYR A 18 -4.47 -8.70 -7.88
CA TYR A 18 -4.96 -9.95 -7.27
C TYR A 18 -6.21 -9.87 -6.38
N GLN A 19 -6.71 -8.66 -6.14
CA GLN A 19 -7.88 -8.49 -5.30
C GLN A 19 -9.11 -8.23 -6.12
N ALA A 20 -8.93 -7.43 -7.15
CA ALA A 20 -10.02 -7.07 -8.03
C ALA A 20 -10.13 -7.98 -9.23
N GLU A 21 -9.03 -8.07 -9.97
CA GLU A 21 -8.91 -8.84 -11.22
C GLU A 21 -9.82 -10.02 -11.49
N GLY A 22 -9.62 -11.10 -10.75
CA GLY A 22 -10.39 -12.31 -10.95
C GLY A 22 -9.54 -13.22 -11.81
N ALA A 23 -10.17 -13.96 -12.71
CA ALA A 23 -9.48 -14.87 -13.64
C ALA A 23 -8.07 -15.34 -13.24
N THR A 24 -7.97 -16.02 -12.10
CA THR A 24 -6.69 -16.50 -11.60
C THR A 24 -6.05 -17.60 -12.43
N HIS A 25 -6.86 -18.44 -13.05
CA HIS A 25 -6.35 -19.53 -13.88
C HIS A 25 -6.69 -19.24 -15.33
N THR A 26 -7.70 -18.41 -15.49
CA THR A 26 -8.17 -18.01 -16.79
C THR A 26 -7.11 -17.20 -17.52
N ASP A 27 -7.03 -17.47 -18.82
CA ASP A 27 -6.13 -16.83 -19.77
C ASP A 27 -4.64 -16.69 -19.48
N GLY A 28 -3.99 -17.82 -19.21
CA GLY A 28 -2.55 -17.83 -19.01
C GLY A 28 -1.89 -17.45 -17.69
N LYS A 29 -2.66 -16.91 -16.75
CA LYS A 29 -2.12 -16.49 -15.47
C LYS A 29 -1.36 -17.58 -14.76
N GLY A 30 -0.19 -17.22 -14.21
CA GLY A 30 0.64 -18.15 -13.47
C GLY A 30 0.26 -18.07 -11.99
N PRO A 31 0.56 -19.11 -11.19
CA PRO A 31 0.24 -19.13 -9.75
C PRO A 31 1.03 -18.14 -8.86
N VAL A 32 0.52 -17.93 -7.64
CA VAL A 32 1.09 -17.03 -6.63
C VAL A 32 0.90 -17.72 -5.27
N ALA A 33 1.61 -17.27 -4.24
CA ALA A 33 1.46 -17.88 -2.90
C ALA A 33 0.05 -17.77 -2.32
N TRP A 34 -0.67 -16.74 -2.76
CA TRP A 34 -2.01 -16.54 -2.27
C TRP A 34 -2.98 -17.65 -2.61
N ASP A 35 -2.96 -18.11 -3.86
CA ASP A 35 -3.88 -19.15 -4.31
C ASP A 35 -4.06 -20.28 -3.32
N LYS A 36 -3.00 -20.67 -2.62
CA LYS A 36 -3.11 -21.74 -1.63
C LYS A 36 -3.46 -21.28 -0.20
N TYR A 37 -2.77 -20.25 0.27
CA TYR A 37 -2.99 -19.73 1.62
C TYR A 37 -4.47 -19.44 1.86
N LEU A 38 -5.14 -18.88 0.87
CA LEU A 38 -6.55 -18.55 1.00
C LEU A 38 -7.35 -19.84 1.14
N GLU A 39 -6.95 -20.85 0.38
CA GLU A 39 -7.65 -22.13 0.41
C GLU A 39 -7.45 -22.94 1.68
N ASP A 40 -6.24 -23.44 1.89
CA ASP A 40 -5.93 -24.28 3.05
C ASP A 40 -5.97 -23.54 4.38
N ASN A 41 -5.16 -22.48 4.46
CA ASN A 41 -5.02 -21.68 5.66
C ASN A 41 -6.19 -20.71 5.94
N TYR A 42 -7.15 -20.66 5.03
CA TYR A 42 -8.33 -19.78 5.17
C TYR A 42 -9.60 -20.51 4.77
N TRP A 43 -10.53 -19.80 4.14
CA TRP A 43 -11.81 -20.40 3.75
C TRP A 43 -12.21 -20.00 2.33
N TYR A 44 -12.34 -18.69 2.12
CA TYR A 44 -12.73 -18.10 0.84
C TYR A 44 -11.55 -18.01 -0.13
N THR A 45 -11.84 -18.08 -1.43
CA THR A 45 -10.81 -18.00 -2.46
C THR A 45 -11.02 -16.78 -3.36
N ALA A 46 -9.92 -16.21 -3.85
CA ALA A 46 -9.95 -15.01 -4.72
C ALA A 46 -10.91 -15.07 -5.92
N GLU A 47 -11.39 -16.25 -6.26
CA GLU A 47 -12.30 -16.39 -7.38
C GLU A 47 -13.70 -16.02 -6.87
N PRO A 48 -14.39 -15.11 -7.55
CA PRO A 48 -14.01 -14.39 -8.76
C PRO A 48 -13.61 -12.96 -8.46
N ALA A 49 -13.29 -12.68 -7.20
CA ALA A 49 -12.92 -11.32 -6.83
C ALA A 49 -14.03 -10.39 -7.30
N SER A 50 -13.66 -9.27 -7.88
CA SER A 50 -14.64 -8.33 -8.39
C SER A 50 -14.70 -8.40 -9.91
N ASP A 51 -14.34 -9.54 -10.46
CA ASP A 51 -14.34 -9.77 -11.92
C ASP A 51 -13.78 -8.62 -12.78
N PHE A 52 -12.79 -7.90 -12.24
CA PHE A 52 -12.17 -6.79 -12.96
C PHE A 52 -11.61 -7.20 -14.32
N TYR A 53 -11.28 -8.47 -14.49
CA TYR A 53 -10.71 -8.96 -15.74
C TYR A 53 -11.64 -8.73 -16.91
N HIS A 54 -12.94 -8.85 -16.68
CA HIS A 54 -13.93 -8.64 -17.73
C HIS A 54 -14.77 -7.40 -17.46
N LYS A 55 -14.80 -6.95 -16.21
CA LYS A 55 -15.64 -5.80 -15.86
C LYS A 55 -15.00 -4.43 -15.88
N TYR A 56 -13.71 -4.34 -16.18
CA TYR A 56 -13.07 -3.03 -16.22
C TYR A 56 -13.92 -1.99 -17.00
N PRO A 57 -14.61 -2.40 -18.08
CA PRO A 57 -15.45 -1.47 -18.86
C PRO A 57 -16.45 -0.65 -17.99
N VAL A 58 -17.26 -1.35 -17.20
CA VAL A 58 -18.27 -0.73 -16.33
C VAL A 58 -17.63 0.13 -15.24
N ASP A 59 -16.55 -0.37 -14.66
CA ASP A 59 -15.86 0.35 -13.60
C ASP A 59 -15.23 1.68 -14.03
N LEU A 60 -14.56 1.69 -15.17
CA LEU A 60 -13.92 2.92 -15.66
C LEU A 60 -15.01 3.87 -16.13
N GLU A 61 -16.11 3.31 -16.61
CA GLU A 61 -17.22 4.13 -17.03
C GLU A 61 -17.81 4.81 -15.80
N LEU A 62 -18.09 4.02 -14.77
CA LEU A 62 -18.62 4.55 -13.51
C LEU A 62 -17.65 5.55 -12.88
N ALA A 63 -16.37 5.21 -12.87
CA ALA A 63 -15.35 6.12 -12.32
C ALA A 63 -15.48 7.47 -13.01
N GLU A 64 -15.46 7.48 -14.35
CA GLU A 64 -15.59 8.73 -15.11
C GLU A 64 -16.92 9.39 -14.81
N GLU A 65 -17.96 8.57 -14.68
CA GLU A 65 -19.31 9.02 -14.39
C GLU A 65 -19.47 9.76 -13.06
N TYR A 66 -18.65 9.40 -12.07
CA TYR A 66 -18.73 10.03 -10.76
C TYR A 66 -17.57 10.96 -10.41
N GLY A 67 -16.83 11.38 -11.43
CA GLY A 67 -15.71 12.27 -11.22
C GLY A 67 -14.42 11.66 -10.71
N VAL A 68 -13.96 10.58 -11.32
CA VAL A 68 -12.70 9.97 -10.90
C VAL A 68 -11.72 10.17 -12.07
N ASN A 69 -10.72 11.00 -11.84
CA ASN A 69 -9.74 11.31 -12.88
C ASN A 69 -8.42 10.55 -12.72
N GLY A 70 -8.39 9.59 -11.79
CA GLY A 70 -7.20 8.82 -11.56
C GLY A 70 -7.54 7.46 -10.97
N ILE A 71 -6.76 6.45 -11.32
CA ILE A 71 -7.03 5.12 -10.81
C ILE A 71 -5.73 4.34 -10.63
N ARG A 72 -5.59 3.71 -9.47
CA ARG A 72 -4.41 2.90 -9.17
C ARG A 72 -4.75 1.50 -9.63
N ILE A 73 -3.84 0.94 -10.40
CA ILE A 73 -4.00 -0.41 -10.91
C ILE A 73 -2.60 -0.99 -10.84
N SER A 74 -2.51 -2.31 -10.75
CA SER A 74 -1.23 -2.97 -10.69
C SER A 74 -1.11 -4.07 -11.74
N ILE A 75 0.06 -4.22 -12.35
CA ILE A 75 0.25 -5.27 -13.32
C ILE A 75 0.55 -6.56 -12.56
N ALA A 76 -0.29 -7.56 -12.78
CA ALA A 76 -0.13 -8.86 -12.15
C ALA A 76 1.10 -9.51 -12.74
N TRP A 77 2.20 -9.52 -11.99
CA TRP A 77 3.44 -10.09 -12.48
C TRP A 77 3.29 -11.50 -13.06
N SER A 78 2.61 -12.38 -12.34
CA SER A 78 2.38 -13.75 -12.78
C SER A 78 1.57 -13.82 -14.08
N ARG A 79 0.88 -12.74 -14.42
CA ARG A 79 0.10 -12.72 -15.67
C ARG A 79 1.11 -12.52 -16.82
N ILE A 80 1.95 -11.50 -16.73
CA ILE A 80 2.95 -11.26 -17.77
C ILE A 80 3.93 -12.43 -17.85
N PHE A 81 4.59 -12.73 -16.72
CA PHE A 81 5.54 -13.82 -16.62
C PHE A 81 5.01 -14.88 -15.66
N PRO A 82 4.29 -15.88 -16.21
CA PRO A 82 3.69 -16.97 -15.44
C PRO A 82 4.54 -17.58 -14.33
N THR A 83 5.85 -17.70 -14.59
CA THR A 83 6.78 -18.28 -13.64
C THR A 83 7.71 -17.26 -12.97
N GLY A 84 7.67 -16.02 -13.46
CA GLY A 84 8.51 -14.99 -12.89
C GLY A 84 9.55 -14.47 -13.84
N TYR A 85 10.09 -15.38 -14.65
CA TYR A 85 11.10 -15.03 -15.64
C TYR A 85 11.07 -16.07 -16.77
N GLY A 86 11.30 -15.59 -17.99
CA GLY A 86 11.30 -16.47 -19.15
C GLY A 86 10.43 -15.99 -20.29
N GLU A 87 9.59 -16.87 -20.80
CA GLU A 87 8.72 -16.51 -21.90
C GLU A 87 7.54 -15.66 -21.42
N VAL A 88 7.30 -14.58 -22.15
CA VAL A 88 6.20 -13.68 -21.83
C VAL A 88 4.90 -14.38 -22.21
N ASN A 89 3.85 -14.11 -21.45
CA ASN A 89 2.54 -14.69 -21.76
C ASN A 89 1.83 -13.63 -22.57
N GLU A 90 1.92 -13.74 -23.90
CA GLU A 90 1.31 -12.77 -24.80
C GLU A 90 -0.12 -12.35 -24.43
N LYS A 91 -0.91 -13.30 -23.93
CA LYS A 91 -2.28 -13.03 -23.50
C LYS A 91 -2.33 -12.02 -22.36
N GLY A 92 -1.39 -12.14 -21.42
CA GLY A 92 -1.31 -11.25 -20.27
C GLY A 92 -1.04 -9.82 -20.70
N VAL A 93 0.06 -9.62 -21.44
CA VAL A 93 0.44 -8.28 -21.92
C VAL A 93 -0.74 -7.65 -22.65
N GLU A 94 -1.48 -8.47 -23.39
CA GLU A 94 -2.63 -7.98 -24.12
C GLU A 94 -3.62 -7.29 -23.17
N PHE A 95 -4.15 -8.07 -22.22
CA PHE A 95 -5.11 -7.54 -21.24
C PHE A 95 -4.76 -6.17 -20.70
N TYR A 96 -3.50 -6.01 -20.29
CA TYR A 96 -3.07 -4.74 -19.75
C TYR A 96 -3.11 -3.57 -20.71
N HIS A 97 -2.86 -3.85 -21.99
CA HIS A 97 -2.94 -2.81 -23.01
C HIS A 97 -4.41 -2.41 -23.13
N LYS A 98 -5.29 -3.41 -23.14
CA LYS A 98 -6.72 -3.17 -23.26
C LYS A 98 -7.26 -2.46 -22.06
N LEU A 99 -6.69 -2.75 -20.90
CA LEU A 99 -7.11 -2.10 -19.66
C LEU A 99 -6.80 -0.61 -19.71
N PHE A 100 -5.59 -0.27 -20.16
CA PHE A 100 -5.15 1.12 -20.25
C PHE A 100 -5.88 1.90 -21.33
N ALA A 101 -6.21 1.23 -22.42
CA ALA A 101 -6.89 1.89 -23.53
C ALA A 101 -8.19 2.47 -22.98
N GLU A 102 -8.88 1.66 -22.17
CA GLU A 102 -10.13 2.07 -21.55
C GLU A 102 -9.90 3.24 -20.61
N CYS A 103 -8.79 3.22 -19.90
CA CYS A 103 -8.43 4.30 -18.98
C CYS A 103 -8.42 5.61 -19.73
N HIS A 104 -7.62 5.69 -20.80
CA HIS A 104 -7.54 6.92 -21.60
C HIS A 104 -8.85 7.18 -22.35
N LYS A 105 -9.60 6.13 -22.69
CA LYS A 105 -10.87 6.30 -23.38
C LYS A 105 -11.83 6.97 -22.41
N ARG A 106 -11.73 6.59 -21.15
CA ARG A 106 -12.58 7.10 -20.08
C ARG A 106 -12.20 8.38 -19.38
N HIS A 107 -10.97 8.82 -19.55
CA HIS A 107 -10.47 10.05 -18.91
C HIS A 107 -10.07 9.87 -17.45
N VAL A 108 -9.63 8.66 -17.11
CA VAL A 108 -9.17 8.31 -15.77
C VAL A 108 -7.69 7.91 -15.93
N GLU A 109 -6.78 8.82 -15.58
CA GLU A 109 -5.34 8.58 -15.69
C GLU A 109 -4.85 7.35 -14.92
N PRO A 110 -4.15 6.43 -15.60
CA PRO A 110 -3.68 5.26 -14.86
C PRO A 110 -2.35 5.48 -14.11
N PHE A 111 -2.37 5.13 -12.84
CA PHE A 111 -1.18 5.17 -11.99
C PHE A 111 -0.99 3.68 -11.81
N VAL A 112 0.06 3.14 -12.42
CA VAL A 112 0.34 1.72 -12.38
C VAL A 112 1.48 1.30 -11.48
N THR A 113 1.25 0.24 -10.71
CA THR A 113 2.27 -0.28 -9.80
C THR A 113 2.57 -1.70 -10.29
N LEU A 114 3.82 -2.12 -10.26
CA LEU A 114 4.19 -3.45 -10.75
C LEU A 114 3.97 -4.57 -9.76
N HIS A 115 4.46 -4.38 -8.55
CA HIS A 115 4.33 -5.40 -7.51
C HIS A 115 3.38 -5.01 -6.39
N HIS A 116 2.29 -5.76 -6.23
CA HIS A 116 1.29 -5.51 -5.18
C HIS A 116 0.86 -6.83 -4.52
N PHE A 117 1.78 -7.37 -3.72
CA PHE A 117 1.58 -8.63 -3.00
C PHE A 117 1.56 -9.89 -3.87
N ASP A 118 1.65 -9.74 -5.19
CA ASP A 118 1.62 -10.88 -6.09
C ASP A 118 2.95 -11.45 -6.66
N THR A 119 3.95 -11.69 -5.82
CA THR A 119 5.21 -12.26 -6.33
C THR A 119 4.86 -13.65 -6.87
N PRO A 120 5.24 -13.95 -8.12
CA PRO A 120 4.94 -15.25 -8.73
C PRO A 120 5.36 -16.38 -7.79
N GLU A 121 4.40 -17.25 -7.48
CA GLU A 121 4.60 -18.36 -6.57
C GLU A 121 6.01 -18.91 -6.59
N ALA A 122 6.45 -19.34 -7.77
CA ALA A 122 7.78 -19.90 -7.94
C ALA A 122 8.90 -19.04 -7.32
N LEU A 123 8.90 -17.76 -7.61
CA LEU A 123 9.91 -16.88 -7.07
C LEU A 123 9.71 -16.62 -5.58
N HIS A 124 8.45 -16.60 -5.16
CA HIS A 124 8.13 -16.38 -3.77
C HIS A 124 8.76 -17.51 -2.97
N SER A 125 8.50 -18.74 -3.41
CA SER A 125 9.01 -19.92 -2.73
C SER A 125 10.53 -19.94 -2.71
N ASN A 126 11.12 -19.49 -3.82
CA ASN A 126 12.58 -19.40 -3.97
C ASN A 126 13.14 -18.15 -3.22
N GLY A 127 12.60 -17.86 -2.03
CA GLY A 127 13.09 -16.73 -1.24
C GLY A 127 12.41 -15.37 -1.37
N ASP A 128 11.58 -15.18 -2.38
CA ASP A 128 10.91 -13.89 -2.60
C ASP A 128 11.96 -12.80 -2.73
N PHE A 129 11.99 -11.86 -1.81
CA PHE A 129 13.00 -10.81 -1.89
C PHE A 129 14.04 -10.96 -0.81
N LEU A 130 14.26 -12.20 -0.40
CA LEU A 130 15.29 -12.52 0.57
C LEU A 130 16.32 -13.32 -0.22
N ASN A 131 16.04 -13.48 -1.51
CA ASN A 131 16.92 -14.19 -2.42
C ASN A 131 17.35 -13.21 -3.52
N ARG A 132 18.59 -12.77 -3.46
CA ARG A 132 19.11 -11.78 -4.40
C ARG A 132 18.95 -12.16 -5.87
N GLU A 133 18.81 -13.45 -6.13
CA GLU A 133 18.61 -13.90 -7.49
C GLU A 133 17.32 -13.26 -7.98
N ASN A 134 16.30 -13.27 -7.12
CA ASN A 134 14.99 -12.72 -7.43
C ASN A 134 14.99 -11.23 -7.68
N ILE A 135 15.97 -10.52 -7.14
CA ILE A 135 16.02 -9.07 -7.35
C ILE A 135 16.21 -8.80 -8.85
N GLU A 136 16.94 -9.67 -9.53
CA GLU A 136 17.19 -9.50 -10.98
C GLU A 136 15.93 -9.73 -11.80
N HIS A 137 15.20 -10.80 -11.47
CA HIS A 137 13.98 -11.15 -12.17
C HIS A 137 12.99 -10.00 -12.09
N PHE A 138 13.01 -9.27 -10.98
CA PHE A 138 12.13 -8.12 -10.81
C PHE A 138 12.64 -7.02 -11.73
N ILE A 139 13.94 -6.77 -11.65
CA ILE A 139 14.60 -5.75 -12.46
C ILE A 139 14.28 -5.94 -13.95
N ASP A 140 14.20 -7.20 -14.38
CA ASP A 140 13.85 -7.57 -15.75
C ASP A 140 12.40 -7.21 -16.01
N TYR A 141 11.51 -7.73 -15.17
CA TYR A 141 10.08 -7.48 -15.27
C TYR A 141 9.78 -5.98 -15.37
N ALA A 142 10.41 -5.19 -14.51
CA ALA A 142 10.21 -3.73 -14.51
C ALA A 142 10.70 -3.16 -15.85
N ALA A 143 11.91 -3.56 -16.21
CA ALA A 143 12.55 -3.14 -17.45
C ALA A 143 11.62 -3.41 -18.64
N PHE A 144 11.11 -4.64 -18.67
CA PHE A 144 10.19 -5.09 -19.71
C PHE A 144 8.95 -4.20 -19.80
N CYS A 145 8.17 -4.15 -18.71
CA CYS A 145 6.95 -3.36 -18.66
C CYS A 145 7.15 -1.92 -19.05
N PHE A 146 8.30 -1.36 -18.70
CA PHE A 146 8.60 0.02 -19.05
C PHE A 146 8.61 0.14 -20.57
N GLU A 147 9.32 -0.79 -21.21
CA GLU A 147 9.47 -0.81 -22.65
C GLU A 147 8.17 -1.12 -23.40
N GLU A 148 7.42 -2.10 -22.89
CA GLU A 148 6.16 -2.53 -23.49
C GLU A 148 5.00 -1.56 -23.37
N PHE A 149 4.86 -0.92 -22.22
CA PHE A 149 3.74 -0.01 -21.98
C PHE A 149 4.04 1.51 -22.03
N PRO A 150 3.80 2.15 -23.18
CA PRO A 150 4.04 3.60 -23.32
C PRO A 150 2.82 4.44 -22.91
N GLU A 151 1.66 3.78 -22.84
CA GLU A 151 0.38 4.40 -22.45
C GLU A 151 0.42 4.94 -21.02
N VAL A 152 1.23 4.31 -20.19
CA VAL A 152 1.34 4.71 -18.80
C VAL A 152 2.35 5.83 -18.59
N ASN A 153 1.87 6.91 -17.98
CA ASN A 153 2.71 8.07 -17.67
C ASN A 153 3.20 7.98 -16.21
N TYR A 154 2.42 7.31 -15.35
CA TYR A 154 2.74 7.13 -13.95
C TYR A 154 3.09 5.70 -13.58
N TRP A 155 4.33 5.48 -13.17
CA TRP A 155 4.77 4.13 -12.78
C TRP A 155 5.14 4.05 -11.31
N THR A 156 4.98 2.89 -10.72
CA THR A 156 5.29 2.70 -9.31
C THR A 156 5.84 1.30 -9.17
N THR A 157 6.92 1.16 -8.40
CA THR A 157 7.55 -0.13 -8.22
C THR A 157 6.80 -1.02 -7.26
N PHE A 158 7.04 -0.82 -5.97
CA PHE A 158 6.40 -1.63 -4.94
C PHE A 158 5.35 -0.89 -4.13
N ASN A 159 4.26 -1.58 -3.84
CA ASN A 159 3.21 -1.01 -3.01
C ASN A 159 3.36 -1.67 -1.64
N GLU A 160 3.50 -0.82 -0.62
CA GLU A 160 3.65 -1.24 0.76
C GLU A 160 4.75 -2.26 1.07
N ILE A 161 5.99 -1.86 0.88
CA ILE A 161 7.15 -2.72 1.17
C ILE A 161 7.23 -3.07 2.66
N GLY A 162 6.92 -2.12 3.55
CA GLY A 162 6.94 -2.34 4.99
C GLY A 162 5.93 -3.43 5.39
N PRO A 163 4.65 -3.29 5.05
CA PRO A 163 3.65 -4.30 5.39
C PRO A 163 4.02 -5.66 4.86
N ILE A 164 4.68 -5.72 3.70
CA ILE A 164 5.08 -7.00 3.14
C ILE A 164 6.01 -7.68 4.14
N GLY A 165 6.80 -6.90 4.86
CA GLY A 165 7.68 -7.48 5.87
C GLY A 165 6.88 -7.85 7.10
N ASP A 166 6.04 -6.91 7.51
CA ASP A 166 5.17 -7.08 8.68
C ASP A 166 4.36 -8.35 8.59
N GLY A 167 3.76 -8.60 7.44
CA GLY A 167 2.92 -9.78 7.30
C GLY A 167 3.61 -11.12 7.07
N GLN A 168 4.70 -11.14 6.33
CA GLN A 168 5.36 -12.41 6.01
C GLN A 168 6.36 -12.98 6.99
N TYR A 169 7.09 -12.13 7.71
CA TYR A 169 8.09 -12.64 8.64
C TYR A 169 7.91 -12.16 10.08
N LEU A 170 6.96 -11.27 10.32
CA LEU A 170 6.75 -10.79 11.67
C LEU A 170 5.41 -11.20 12.30
N VAL A 171 4.32 -10.72 11.72
CA VAL A 171 2.98 -10.99 12.21
C VAL A 171 2.35 -12.20 11.53
N GLY A 172 3.18 -13.00 10.87
CA GLY A 172 2.75 -14.20 10.18
C GLY A 172 1.48 -14.20 9.34
N LYS A 173 0.90 -13.03 9.16
CA LYS A 173 -0.34 -12.87 8.40
C LYS A 173 -0.26 -13.53 7.01
N PHE A 174 0.39 -12.85 6.06
CA PHE A 174 0.56 -13.32 4.68
C PHE A 174 1.55 -14.49 4.55
N PRO A 175 1.46 -15.25 3.45
CA PRO A 175 2.41 -16.36 3.28
C PRO A 175 3.80 -15.72 3.01
N PRO A 176 4.90 -16.38 3.43
CA PRO A 176 5.01 -17.67 4.12
C PRO A 176 4.23 -17.80 5.45
N GLY A 177 4.26 -16.76 6.27
CA GLY A 177 3.56 -16.82 7.54
C GLY A 177 4.49 -17.03 8.73
N ILE A 178 5.68 -16.45 8.64
CA ILE A 178 6.70 -16.53 9.67
C ILE A 178 6.38 -15.51 10.76
N LYS A 179 6.89 -15.75 11.96
CA LYS A 179 6.64 -14.85 13.08
C LYS A 179 7.85 -14.38 13.88
N TYR A 180 7.83 -13.11 14.23
CA TYR A 180 8.87 -12.50 15.05
C TYR A 180 10.28 -12.55 14.48
N ASP A 181 10.40 -12.74 13.18
CA ASP A 181 11.71 -12.78 12.55
C ASP A 181 12.07 -11.38 12.03
N LEU A 182 12.55 -10.52 12.95
CA LEU A 182 12.93 -9.15 12.63
C LEU A 182 14.16 -9.01 11.73
N ALA A 183 15.03 -10.03 11.74
CA ALA A 183 16.22 -10.02 10.89
C ALA A 183 15.70 -10.12 9.46
N LYS A 184 14.64 -10.90 9.29
CA LYS A 184 14.03 -11.06 7.99
C LYS A 184 13.33 -9.76 7.59
N VAL A 185 12.58 -9.16 8.51
CA VAL A 185 11.89 -7.90 8.23
C VAL A 185 12.88 -6.86 7.70
N PHE A 186 13.99 -6.70 8.41
CA PHE A 186 14.98 -5.73 8.00
C PHE A 186 15.64 -6.12 6.70
N GLN A 187 15.95 -7.40 6.56
CA GLN A 187 16.57 -7.94 5.37
C GLN A 187 15.65 -7.78 4.16
N SER A 188 14.38 -8.04 4.36
CA SER A 188 13.38 -7.96 3.31
C SER A 188 13.33 -6.53 2.79
N HIS A 189 13.34 -5.56 3.73
CA HIS A 189 13.30 -4.14 3.41
C HIS A 189 14.51 -3.70 2.59
N HIS A 190 15.71 -4.11 3.01
CA HIS A 190 16.93 -3.76 2.30
C HIS A 190 16.87 -4.27 0.85
N ASN A 191 16.68 -5.58 0.69
CA ASN A 191 16.59 -6.21 -0.63
C ASN A 191 15.47 -5.66 -1.52
N MET A 192 14.26 -5.57 -0.99
CA MET A 192 13.13 -5.03 -1.76
C MET A 192 13.34 -3.57 -2.12
N MET A 193 14.03 -2.84 -1.24
CA MET A 193 14.27 -1.42 -1.47
C MET A 193 15.33 -1.23 -2.54
N VAL A 194 16.38 -2.05 -2.49
CA VAL A 194 17.44 -2.02 -3.49
C VAL A 194 16.79 -2.25 -4.86
N SER A 195 15.93 -3.28 -4.95
CA SER A 195 15.19 -3.65 -6.17
C SER A 195 14.49 -2.44 -6.80
N HIS A 196 13.86 -1.64 -5.95
CA HIS A 196 13.17 -0.45 -6.39
C HIS A 196 14.17 0.61 -6.85
N ALA A 197 15.25 0.79 -6.10
CA ALA A 197 16.25 1.78 -6.48
C ALA A 197 16.83 1.47 -7.85
N ARG A 198 16.98 0.19 -8.15
CA ARG A 198 17.53 -0.23 -9.44
C ARG A 198 16.52 -0.06 -10.57
N ALA A 199 15.24 -0.17 -10.24
CA ALA A 199 14.18 0.02 -11.23
C ALA A 199 14.15 1.51 -11.60
N VAL A 200 14.14 2.36 -10.59
CA VAL A 200 14.09 3.80 -10.74
C VAL A 200 15.29 4.36 -11.48
N LYS A 201 16.44 3.75 -11.29
CA LYS A 201 17.63 4.22 -11.99
C LYS A 201 17.54 3.84 -13.46
N LEU A 202 17.11 2.61 -13.73
CA LEU A 202 16.98 2.11 -15.11
C LEU A 202 15.99 2.97 -15.90
N TYR A 203 14.86 3.29 -15.28
CA TYR A 203 13.85 4.11 -15.92
C TYR A 203 14.44 5.43 -16.36
N LYS A 204 15.23 6.06 -15.51
CA LYS A 204 15.86 7.33 -15.84
C LYS A 204 16.91 7.20 -16.97
N ASP A 205 17.78 6.20 -16.86
CA ASP A 205 18.81 5.99 -17.85
C ASP A 205 18.23 5.76 -19.23
N LYS A 206 17.30 4.82 -19.32
CA LYS A 206 16.66 4.46 -20.58
C LYS A 206 15.98 5.63 -21.31
N GLY A 207 15.77 6.74 -20.60
CA GLY A 207 15.16 7.91 -21.21
C GLY A 207 13.67 8.20 -21.05
N TYR A 208 12.86 7.19 -20.73
CA TYR A 208 11.40 7.35 -20.57
C TYR A 208 11.02 8.69 -19.91
N LYS A 209 10.07 9.41 -20.49
CA LYS A 209 9.68 10.68 -19.90
C LYS A 209 8.34 10.71 -19.15
N GLY A 210 8.19 9.76 -18.22
CA GLY A 210 7.00 9.68 -17.42
C GLY A 210 7.42 10.02 -16.00
N GLU A 211 6.88 9.30 -15.02
CA GLU A 211 7.24 9.53 -13.60
C GLU A 211 7.21 8.24 -12.80
N ILE A 212 8.37 7.91 -12.24
CA ILE A 212 8.55 6.70 -11.45
C ILE A 212 8.44 7.09 -9.95
N GLY A 213 8.03 6.16 -9.08
CA GLY A 213 7.90 6.46 -7.65
C GLY A 213 7.63 5.25 -6.77
N VAL A 214 7.31 5.49 -5.50
CA VAL A 214 7.00 4.41 -4.53
C VAL A 214 5.75 4.71 -3.74
N VAL A 215 5.17 3.65 -3.17
CA VAL A 215 3.97 3.76 -2.35
C VAL A 215 4.24 3.14 -0.97
N HIS A 216 4.64 3.98 -0.01
CA HIS A 216 4.94 3.52 1.34
C HIS A 216 3.76 3.65 2.30
N ALA A 217 3.59 2.63 3.15
CA ALA A 217 2.55 2.64 4.15
C ALA A 217 3.26 3.34 5.27
N LEU A 218 2.68 4.42 5.80
CA LEU A 218 3.32 5.16 6.87
C LEU A 218 2.40 5.41 8.07
N PRO A 219 2.24 4.41 8.93
CA PRO A 219 1.38 4.60 10.09
C PRO A 219 2.17 5.32 11.18
N THR A 220 1.72 6.54 11.50
CA THR A 220 2.34 7.38 12.53
C THR A 220 2.49 6.59 13.82
N LYS A 221 3.63 6.74 14.48
CA LYS A 221 3.89 6.06 15.74
C LYS A 221 4.10 7.13 16.79
N TYR A 222 3.25 7.14 17.82
CA TYR A 222 3.37 8.11 18.89
C TYR A 222 3.65 7.38 20.18
N PRO A 223 4.40 8.02 21.11
CA PRO A 223 4.71 7.41 22.40
C PRO A 223 3.43 7.52 23.24
N TYR A 224 3.11 6.48 23.99
CA TYR A 224 1.88 6.46 24.79
C TYR A 224 1.76 7.65 25.76
N ASP A 225 2.83 7.90 26.50
CA ASP A 225 2.89 9.03 27.43
C ASP A 225 4.11 9.80 26.89
N PRO A 226 3.89 10.94 26.23
CA PRO A 226 4.99 11.72 25.66
C PRO A 226 6.05 12.12 26.69
N GLU A 227 5.61 12.37 27.92
CA GLU A 227 6.54 12.74 28.99
C GLU A 227 7.40 11.55 29.41
N ASN A 228 7.01 10.35 29.00
CA ASN A 228 7.74 9.13 29.36
C ASN A 228 8.87 8.77 28.38
N PRO A 229 10.12 9.11 28.75
CA PRO A 229 11.31 8.84 27.94
C PRO A 229 11.38 7.42 27.39
N ALA A 230 10.84 6.47 28.16
CA ALA A 230 10.82 5.08 27.75
C ALA A 230 9.86 4.93 26.60
N ASP A 231 8.66 5.49 26.76
CA ASP A 231 7.64 5.39 25.73
C ASP A 231 8.02 6.17 24.48
N VAL A 232 8.65 7.33 24.67
CA VAL A 232 9.06 8.13 23.54
C VAL A 232 10.00 7.20 22.75
N ARG A 233 10.88 6.49 23.47
CA ARG A 233 11.83 5.54 22.89
C ARG A 233 11.10 4.35 22.29
N ALA A 234 10.00 3.96 22.92
CA ALA A 234 9.22 2.86 22.41
C ALA A 234 8.79 3.18 20.97
N ALA A 235 8.28 4.40 20.77
CA ALA A 235 7.82 4.85 19.45
C ALA A 235 8.95 5.11 18.48
N GLU A 236 10.11 5.48 19.01
CA GLU A 236 11.28 5.74 18.17
C GLU A 236 11.60 4.41 17.51
N LEU A 237 11.79 3.37 18.32
CA LEU A 237 12.10 2.05 17.80
C LEU A 237 10.97 1.35 17.01
N GLU A 238 9.71 1.73 17.24
CA GLU A 238 8.60 1.10 16.50
C GLU A 238 8.53 1.71 15.10
N ASP A 239 8.77 3.01 15.04
CA ASP A 239 8.75 3.76 13.79
C ASP A 239 9.91 3.32 12.90
N ILE A 240 11.04 2.99 13.51
CA ILE A 240 12.22 2.51 12.79
C ILE A 240 12.01 1.19 12.04
N ILE A 241 11.10 0.33 12.51
CA ILE A 241 10.86 -0.92 11.80
C ILE A 241 9.97 -0.70 10.55
N HIS A 242 8.75 -0.23 10.78
CA HIS A 242 7.77 -0.01 9.73
C HIS A 242 7.93 1.21 8.82
N ASN A 243 8.64 2.25 9.29
CA ASN A 243 8.78 3.52 8.53
C ASN A 243 10.17 4.10 8.25
N LYS A 244 10.94 4.38 9.30
CA LYS A 244 12.23 5.04 9.13
C LYS A 244 13.31 4.32 8.33
N PHE A 245 13.43 3.01 8.51
CA PHE A 245 14.44 2.25 7.79
C PHE A 245 14.18 2.34 6.29
N ILE A 246 12.92 2.24 5.91
CA ILE A 246 12.55 2.32 4.51
C ILE A 246 12.71 3.73 3.95
N LEU A 247 12.08 4.72 4.58
CA LEU A 247 12.19 6.11 4.11
C LEU A 247 13.64 6.61 3.98
N ASP A 248 14.54 6.11 4.83
CA ASP A 248 15.96 6.48 4.77
C ASP A 248 16.53 5.96 3.47
N ALA A 249 16.42 4.64 3.28
CA ALA A 249 16.93 4.00 2.08
C ALA A 249 16.45 4.72 0.83
N THR A 250 15.23 5.24 0.89
CA THR A 250 14.62 5.94 -0.24
C THR A 250 15.16 7.33 -0.52
N TYR A 251 15.44 8.12 0.52
CA TYR A 251 15.90 9.48 0.29
C TYR A 251 17.32 9.91 0.70
N LEU A 252 18.01 9.07 1.47
CA LEU A 252 19.36 9.38 1.92
C LEU A 252 20.33 8.46 1.22
N GLY A 253 19.80 7.37 0.68
CA GLY A 253 20.66 6.41 0.00
C GLY A 253 21.62 5.81 1.01
N HIS A 254 21.05 5.38 2.14
CA HIS A 254 21.74 4.73 3.26
C HIS A 254 20.94 4.94 4.55
N TYR A 255 21.33 4.25 5.61
CA TYR A 255 20.66 4.36 6.89
C TYR A 255 21.49 5.19 7.87
N CYS A 256 20.88 6.24 8.37
CA CYS A 256 21.54 7.12 9.33
C CYS A 256 21.84 6.41 10.63
N ASP A 257 22.60 7.07 11.49
CA ASP A 257 22.95 6.45 12.76
C ASP A 257 21.78 6.07 13.68
N LYS A 258 20.75 6.90 13.79
CA LYS A 258 19.60 6.54 14.66
C LYS A 258 18.95 5.24 14.18
N THR A 259 18.73 5.16 12.89
CA THR A 259 18.15 3.97 12.31
C THR A 259 19.04 2.76 12.62
N MET A 260 20.35 2.87 12.38
CA MET A 260 21.23 1.75 12.66
C MET A 260 21.31 1.43 14.13
N GLU A 261 21.45 2.46 14.94
CA GLU A 261 21.54 2.31 16.39
C GLU A 261 20.37 1.46 16.88
N GLY A 262 19.20 1.77 16.35
CA GLY A 262 18.00 1.04 16.73
C GLY A 262 17.90 -0.33 16.11
N VAL A 263 18.27 -0.48 14.83
CA VAL A 263 18.20 -1.78 14.17
C VAL A 263 19.18 -2.71 14.81
N ASN A 264 20.30 -2.17 15.25
CA ASN A 264 21.29 -2.99 15.93
C ASN A 264 20.73 -3.41 17.28
N HIS A 265 20.01 -2.51 17.95
CA HIS A 265 19.41 -2.82 19.25
C HIS A 265 18.32 -3.88 19.14
N ILE A 266 17.44 -3.73 18.16
CA ILE A 266 16.39 -4.72 17.97
C ILE A 266 17.03 -6.08 17.82
N LEU A 267 17.94 -6.20 16.86
CA LEU A 267 18.62 -7.46 16.59
C LEU A 267 19.52 -7.93 17.71
N ALA A 268 19.88 -7.05 18.62
CA ALA A 268 20.70 -7.47 19.74
C ALA A 268 19.70 -8.24 20.58
N GLU A 269 18.71 -7.52 21.10
CA GLU A 269 17.66 -8.08 21.94
C GLU A 269 16.84 -9.22 21.35
N ASN A 270 16.69 -9.25 20.03
CA ASN A 270 15.90 -10.29 19.38
C ASN A 270 16.71 -11.25 18.52
N GLY A 271 18.01 -10.98 18.37
CA GLY A 271 18.84 -11.84 17.56
C GLY A 271 18.63 -11.69 16.06
N GLY A 272 19.72 -11.64 15.33
CA GLY A 272 19.63 -11.51 13.90
C GLY A 272 20.88 -10.93 13.30
N GLU A 273 21.12 -11.29 12.05
CA GLU A 273 22.26 -10.80 11.31
C GLU A 273 21.70 -10.20 10.03
N LEU A 274 22.34 -9.16 9.53
CA LEU A 274 21.88 -8.53 8.31
C LEU A 274 22.97 -8.55 7.22
N ASP A 275 22.56 -8.79 5.98
CA ASP A 275 23.49 -8.80 4.86
C ASP A 275 23.32 -7.52 4.07
N LEU A 276 24.13 -6.53 4.39
CA LEU A 276 24.10 -5.23 3.71
C LEU A 276 25.41 -5.12 2.93
N ARG A 277 25.33 -4.63 1.70
CA ARG A 277 26.53 -4.51 0.89
C ARG A 277 26.74 -3.15 0.25
N ASP A 278 28.01 -2.83 0.03
CA ASP A 278 28.45 -1.57 -0.58
C ASP A 278 27.75 -1.30 -1.89
N GLU A 279 27.50 -2.37 -2.65
CA GLU A 279 26.82 -2.27 -3.93
C GLU A 279 25.36 -1.89 -3.71
N ASP A 280 24.77 -2.42 -2.64
CA ASP A 280 23.40 -2.09 -2.28
C ASP A 280 23.38 -0.59 -1.98
N PHE A 281 24.34 -0.13 -1.20
CA PHE A 281 24.39 1.30 -0.89
C PHE A 281 24.84 2.16 -2.08
N GLN A 282 25.49 1.55 -3.05
CA GLN A 282 25.89 2.30 -4.24
C GLN A 282 24.68 2.49 -5.13
N ALA A 283 23.83 1.45 -5.18
CA ALA A 283 22.59 1.44 -5.96
C ALA A 283 21.56 2.32 -5.26
N LEU A 284 21.41 2.13 -3.95
CA LEU A 284 20.48 2.92 -3.14
C LEU A 284 20.91 4.39 -3.21
N ASP A 285 22.20 4.64 -3.07
CA ASP A 285 22.70 6.00 -3.11
C ASP A 285 22.49 6.68 -4.46
N ALA A 286 22.59 5.92 -5.54
CA ALA A 286 22.41 6.48 -6.88
C ALA A 286 20.99 6.89 -7.26
N ALA A 287 19.99 6.33 -6.58
CA ALA A 287 18.59 6.60 -6.88
C ALA A 287 17.82 7.46 -5.88
N LYS A 288 18.52 8.04 -4.89
CA LYS A 288 17.84 8.86 -3.88
C LYS A 288 17.27 10.22 -4.28
N ASP A 289 17.61 10.70 -5.48
CA ASP A 289 17.11 11.99 -5.93
C ASP A 289 16.49 11.82 -7.32
N LEU A 290 15.99 10.62 -7.58
CA LEU A 290 15.37 10.26 -8.85
C LEU A 290 13.89 9.96 -8.71
N ASN A 291 13.43 9.67 -7.50
CA ASN A 291 12.02 9.38 -7.29
C ASN A 291 11.25 10.62 -7.67
N ASP A 292 10.22 10.45 -8.49
CA ASP A 292 9.41 11.57 -8.96
C ASP A 292 8.37 12.00 -7.96
N PHE A 293 7.83 11.03 -7.23
CA PHE A 293 6.80 11.33 -6.25
C PHE A 293 6.89 10.33 -5.11
N LEU A 294 6.10 10.53 -4.07
CA LEU A 294 6.07 9.60 -2.94
C LEU A 294 4.61 9.26 -2.70
N GLY A 295 4.34 7.98 -2.56
CA GLY A 295 2.99 7.53 -2.32
C GLY A 295 2.78 7.17 -0.85
N ILE A 296 1.93 7.94 -0.19
CA ILE A 296 1.62 7.74 1.22
C ILE A 296 0.31 6.97 1.39
N ASN A 297 0.42 5.75 1.92
CA ASN A 297 -0.73 4.87 2.19
C ASN A 297 -1.05 4.97 3.67
N TYR A 298 -1.89 5.91 4.05
CA TYR A 298 -2.19 6.08 5.46
C TYR A 298 -3.61 5.66 5.81
N TYR A 299 -3.72 4.92 6.92
CA TYR A 299 -5.00 4.44 7.43
C TYR A 299 -5.22 4.79 8.89
N MET A 300 -4.16 4.73 9.69
CA MET A 300 -4.23 5.03 11.14
C MET A 300 -2.86 5.21 11.82
N SER A 301 -2.89 5.66 13.08
CA SER A 301 -1.67 5.83 13.87
C SER A 301 -1.66 4.83 15.01
N ASP A 302 -0.47 4.56 15.53
CA ASP A 302 -0.34 3.62 16.61
C ASP A 302 0.32 4.31 17.80
N TRP A 303 0.04 3.78 19.00
CA TRP A 303 0.61 4.31 20.23
C TRP A 303 1.41 3.21 20.90
N MET A 304 2.68 3.49 21.10
CA MET A 304 3.60 2.56 21.72
C MET A 304 3.88 2.90 23.16
N GLN A 305 3.88 1.88 24.01
CA GLN A 305 4.14 2.01 25.43
C GLN A 305 5.31 1.08 25.71
N ALA A 306 6.50 1.67 25.77
CA ALA A 306 7.71 0.91 26.00
C ALA A 306 7.54 -0.03 27.15
N PHE A 307 7.52 -1.33 26.86
CA PHE A 307 7.41 -2.30 27.91
C PHE A 307 8.01 -3.65 27.70
N ASP A 308 9.03 -3.90 28.51
CA ASP A 308 9.79 -5.14 28.59
C ASP A 308 8.86 -6.34 28.53
N GLY A 309 9.45 -7.52 28.55
CA GLY A 309 8.65 -8.72 28.49
C GLY A 309 8.91 -9.41 27.18
N GLU A 310 8.45 -10.65 27.06
CA GLU A 310 8.67 -11.39 25.85
C GLU A 310 7.80 -10.87 24.73
N THR A 311 8.18 -11.17 23.49
CA THR A 311 7.43 -10.73 22.32
C THR A 311 6.22 -11.59 21.98
N GLU A 312 5.13 -10.95 21.61
CA GLU A 312 3.89 -11.65 21.24
C GLU A 312 2.97 -10.76 20.37
N ILE A 313 2.41 -11.35 19.31
CA ILE A 313 1.51 -10.63 18.38
C ILE A 313 0.30 -11.52 18.03
N ILE A 314 -0.90 -10.99 18.24
CA ILE A 314 -2.15 -11.70 17.96
C ILE A 314 -2.86 -10.82 16.95
N HIS A 315 -3.03 -11.34 15.73
CA HIS A 315 -3.67 -10.60 14.64
C HIS A 315 -5.20 -10.74 14.61
N ASN A 316 -5.91 -9.60 14.63
CA ASN A 316 -7.36 -9.61 14.59
C ASN A 316 -7.88 -9.57 13.15
N GLY A 317 -7.90 -10.74 12.53
CA GLY A 317 -8.37 -10.85 11.16
C GLY A 317 -9.87 -11.03 11.10
N LYS A 318 -10.48 -11.54 12.17
CA LYS A 318 -11.92 -11.76 12.19
C LYS A 318 -12.73 -10.49 12.51
N GLY A 319 -12.12 -9.55 13.23
CA GLY A 319 -12.81 -8.32 13.59
C GLY A 319 -13.47 -8.48 14.95
N GLU A 320 -12.66 -8.42 16.01
CA GLU A 320 -13.18 -8.58 17.37
C GLU A 320 -12.52 -7.54 18.26
N LYS A 321 -13.19 -6.41 18.42
CA LYS A 321 -12.69 -5.30 19.25
C LYS A 321 -11.84 -5.74 20.45
N GLY A 322 -10.54 -5.47 20.39
CA GLY A 322 -9.67 -5.82 21.51
C GLY A 322 -8.98 -7.17 21.45
N SER A 323 -9.19 -7.93 20.38
CA SER A 323 -8.52 -9.22 20.29
C SER A 323 -7.06 -9.02 19.86
N SER A 324 -6.76 -7.83 19.36
CA SER A 324 -5.44 -7.51 18.86
C SER A 324 -4.39 -7.38 19.94
N LYS A 325 -3.27 -8.04 19.73
CA LYS A 325 -2.17 -7.98 20.68
C LYS A 325 -0.89 -7.79 19.87
N TYR A 326 0.04 -7.02 20.43
CA TYR A 326 1.30 -6.71 19.79
C TYR A 326 2.31 -6.21 20.83
N GLN A 327 3.38 -6.97 21.00
CA GLN A 327 4.44 -6.59 21.91
C GLN A 327 5.75 -7.12 21.35
N ILE A 328 6.77 -6.28 21.32
CA ILE A 328 8.05 -6.71 20.82
C ILE A 328 9.11 -6.47 21.88
N LYS A 329 9.91 -7.50 22.14
CA LYS A 329 10.97 -7.45 23.14
C LYS A 329 12.02 -6.40 22.78
N GLY A 330 12.31 -5.49 23.71
CA GLY A 330 13.31 -4.48 23.42
C GLY A 330 12.73 -3.25 22.75
N VAL A 331 11.42 -3.28 22.47
CA VAL A 331 10.70 -2.20 21.82
C VAL A 331 9.61 -1.59 22.71
N GLY A 332 8.51 -2.33 22.86
CA GLY A 332 7.41 -1.85 23.66
C GLY A 332 6.18 -2.66 23.28
N ARG A 333 5.01 -2.11 23.59
CA ARG A 333 3.76 -2.76 23.25
C ARG A 333 2.83 -1.70 22.73
N ARG A 334 1.98 -2.06 21.78
CA ARG A 334 1.02 -1.09 21.27
C ARG A 334 -0.08 -0.99 22.32
N VAL A 335 -0.51 0.23 22.62
CA VAL A 335 -1.58 0.45 23.60
C VAL A 335 -2.47 1.53 23.06
N ALA A 336 -3.65 1.15 22.62
CA ALA A 336 -4.59 2.12 22.06
C ALA A 336 -5.33 2.88 23.14
N PRO A 337 -5.28 4.22 23.08
CA PRO A 337 -5.95 5.11 24.03
C PRO A 337 -7.46 4.99 23.91
N ASP A 338 -8.16 5.04 25.03
CA ASP A 338 -9.62 4.91 25.02
C ASP A 338 -10.41 6.12 24.53
N TYR A 339 -9.80 7.30 24.52
CA TYR A 339 -10.53 8.48 24.05
C TYR A 339 -10.68 8.37 22.53
N VAL A 340 -9.67 7.81 21.87
CA VAL A 340 -9.67 7.69 20.43
C VAL A 340 -10.52 6.52 19.90
N PRO A 341 -11.35 6.79 18.87
CA PRO A 341 -12.23 5.79 18.24
C PRO A 341 -11.52 4.63 17.50
N ARG A 342 -12.20 3.49 17.44
CA ARG A 342 -11.67 2.30 16.77
C ARG A 342 -12.76 1.64 15.94
N THR A 343 -12.36 0.75 15.04
CA THR A 343 -13.29 0.02 14.21
C THR A 343 -13.18 -1.41 14.73
N ASP A 344 -13.93 -2.32 14.13
CA ASP A 344 -13.92 -3.69 14.60
C ASP A 344 -12.64 -4.49 14.39
N TRP A 345 -11.71 -3.95 13.62
CA TRP A 345 -10.45 -4.63 13.39
C TRP A 345 -9.33 -4.01 14.20
N ASP A 346 -9.74 -3.04 15.01
CA ASP A 346 -8.87 -2.30 15.90
C ASP A 346 -7.93 -1.35 15.19
N TRP A 347 -8.47 -0.66 14.20
CA TRP A 347 -7.71 0.33 13.48
C TRP A 347 -8.18 1.60 14.14
N ILE A 348 -7.25 2.44 14.51
CA ILE A 348 -7.60 3.71 15.13
C ILE A 348 -8.02 4.66 14.01
N ILE A 349 -9.03 5.49 14.29
CA ILE A 349 -9.48 6.47 13.32
C ILE A 349 -8.95 7.77 13.86
N TYR A 350 -7.73 8.12 13.42
CA TYR A 350 -7.05 9.32 13.87
C TYR A 350 -6.44 10.13 12.70
N PRO A 351 -7.24 11.02 12.08
CA PRO A 351 -6.82 11.86 10.94
C PRO A 351 -5.53 12.63 11.08
N GLU A 352 -5.34 13.28 12.22
CA GLU A 352 -4.13 14.08 12.45
C GLU A 352 -2.83 13.30 12.23
N GLY A 353 -2.88 11.99 12.44
CA GLY A 353 -1.71 11.15 12.25
C GLY A 353 -1.20 11.23 10.82
N LEU A 354 -2.12 11.57 9.90
CA LEU A 354 -1.84 11.72 8.47
C LEU A 354 -1.03 12.98 8.29
N TYR A 355 -1.62 14.10 8.71
CA TYR A 355 -0.97 15.41 8.64
C TYR A 355 0.41 15.34 9.22
N ASP A 356 0.52 14.66 10.36
CA ASP A 356 1.79 14.49 11.07
C ASP A 356 2.82 13.74 10.25
N GLN A 357 2.40 12.71 9.53
CA GLN A 357 3.32 11.97 8.69
C GLN A 357 3.72 12.81 7.48
N ILE A 358 2.76 13.56 6.96
CA ILE A 358 3.06 14.41 5.80
C ILE A 358 4.17 15.36 6.19
N MET A 359 4.03 15.99 7.36
CA MET A 359 5.03 16.94 7.86
C MET A 359 6.33 16.26 8.21
N ARG A 360 6.23 15.04 8.74
CA ARG A 360 7.41 14.27 9.09
C ARG A 360 8.25 14.05 7.82
N VAL A 361 7.62 13.54 6.78
CA VAL A 361 8.33 13.30 5.52
C VAL A 361 8.87 14.61 4.94
N LYS A 362 8.04 15.64 4.95
CA LYS A 362 8.42 16.95 4.42
C LYS A 362 9.65 17.56 5.09
N ASN A 363 9.74 17.49 6.41
CA ASN A 363 10.88 18.07 7.14
C ASN A 363 12.10 17.17 7.15
N ASP A 364 11.90 15.88 7.39
CA ASP A 364 13.02 14.92 7.41
C ASP A 364 13.63 14.79 6.01
N TYR A 365 12.80 14.81 4.96
CA TYR A 365 13.31 14.67 3.60
C TYR A 365 12.67 15.63 2.60
N PRO A 366 13.29 16.80 2.42
CA PRO A 366 12.85 17.86 1.51
C PRO A 366 12.76 17.38 0.07
N ASN A 367 13.76 16.63 -0.35
CA ASN A 367 13.86 16.06 -1.67
C ASN A 367 12.66 15.21 -2.12
N TYR A 368 11.60 15.11 -1.32
CA TYR A 368 10.44 14.29 -1.69
C TYR A 368 9.71 14.80 -2.92
N LYS A 369 9.93 16.08 -3.23
CA LYS A 369 9.30 16.71 -4.38
C LYS A 369 7.80 16.83 -4.19
N LYS A 370 7.05 15.76 -4.46
CA LYS A 370 5.60 15.79 -4.28
C LYS A 370 5.04 14.51 -3.65
N ILE A 371 3.85 14.63 -3.07
CA ILE A 371 3.15 13.54 -2.38
C ILE A 371 1.79 13.19 -3.01
N TYR A 372 1.43 11.92 -2.92
CA TYR A 372 0.13 11.42 -3.39
C TYR A 372 -0.36 10.47 -2.31
N ILE A 373 -1.58 10.69 -1.82
CA ILE A 373 -2.17 9.80 -0.83
C ILE A 373 -2.72 8.64 -1.69
N THR A 374 -1.88 7.65 -1.91
CA THR A 374 -2.24 6.52 -2.76
C THR A 374 -3.15 5.46 -2.16
N GLU A 375 -3.65 5.71 -0.95
CA GLU A 375 -4.53 4.78 -0.24
C GLU A 375 -5.03 5.36 1.10
N ASN A 376 -6.31 5.09 1.37
CA ASN A 376 -6.98 5.53 2.58
C ASN A 376 -8.46 5.21 2.43
N GLY A 377 -9.09 4.75 3.51
CA GLY A 377 -10.49 4.42 3.45
C GLY A 377 -10.95 3.69 4.70
N LEU A 378 -12.19 3.21 4.70
CA LEU A 378 -12.75 2.51 5.86
C LEU A 378 -13.60 1.34 5.40
N GLY A 379 -13.26 0.13 5.87
CA GLY A 379 -14.00 -1.04 5.46
C GLY A 379 -14.75 -1.74 6.58
N TYR A 380 -16.06 -1.91 6.39
CA TYR A 380 -16.90 -2.58 7.37
C TYR A 380 -17.95 -3.38 6.60
N LYS A 381 -18.90 -4.00 7.27
CA LYS A 381 -19.89 -4.77 6.53
C LYS A 381 -21.07 -3.91 6.05
N ASP A 382 -20.81 -3.10 5.03
CA ASP A 382 -21.81 -2.22 4.45
C ASP A 382 -23.18 -2.92 4.29
N GLU A 383 -24.27 -2.17 4.51
CA GLU A 383 -25.57 -2.78 4.31
C GLU A 383 -26.22 -2.25 3.05
N PHE A 384 -26.57 -3.19 2.17
CA PHE A 384 -27.20 -2.90 0.90
C PHE A 384 -28.68 -2.63 1.15
N VAL A 385 -29.08 -1.39 0.92
CA VAL A 385 -30.47 -0.98 1.10
C VAL A 385 -30.80 -0.09 -0.07
N ASP A 386 -32.04 -0.16 -0.54
CA ASP A 386 -32.49 0.62 -1.69
C ASP A 386 -31.50 0.45 -2.84
N ASN A 387 -30.80 -0.69 -2.81
CA ASN A 387 -29.81 -1.04 -3.82
C ASN A 387 -28.74 0.03 -3.94
N THR A 388 -28.27 0.44 -2.76
CA THR A 388 -27.24 1.45 -2.54
C THR A 388 -26.70 1.04 -1.19
N VAL A 389 -25.98 1.94 -0.53
CA VAL A 389 -25.45 1.69 0.79
C VAL A 389 -25.32 3.07 1.39
N TYR A 390 -26.01 3.30 2.51
CA TYR A 390 -25.99 4.56 3.22
C TYR A 390 -24.78 4.62 4.15
N ASP A 391 -23.61 4.54 3.52
CA ASP A 391 -22.34 4.58 4.21
C ASP A 391 -21.96 5.98 4.67
N ASP A 392 -22.79 6.63 5.49
CA ASP A 392 -22.43 7.96 5.98
C ASP A 392 -21.19 7.83 6.84
N GLY A 393 -20.95 6.61 7.32
CA GLY A 393 -19.79 6.37 8.13
C GLY A 393 -18.53 6.65 7.35
N ARG A 394 -18.41 5.97 6.21
CA ARG A 394 -17.23 6.13 5.38
C ARG A 394 -16.97 7.56 4.96
N ILE A 395 -18.02 8.25 4.52
CA ILE A 395 -17.95 9.64 4.06
C ILE A 395 -17.30 10.51 5.13
N ASP A 396 -17.75 10.31 6.37
CA ASP A 396 -17.24 11.03 7.51
C ASP A 396 -15.75 10.76 7.72
N TYR A 397 -15.33 9.51 7.73
CA TYR A 397 -13.90 9.18 7.90
C TYR A 397 -13.06 9.82 6.79
N VAL A 398 -13.40 9.49 5.54
CA VAL A 398 -12.69 10.01 4.38
C VAL A 398 -12.71 11.53 4.31
N LYS A 399 -13.84 12.14 4.68
CA LYS A 399 -13.97 13.59 4.66
C LYS A 399 -12.95 14.20 5.60
N GLN A 400 -12.98 13.77 6.87
CA GLN A 400 -12.04 14.27 7.88
C GLN A 400 -10.59 14.25 7.32
N HIS A 401 -10.19 13.12 6.76
CA HIS A 401 -8.85 12.97 6.20
C HIS A 401 -8.54 13.98 5.13
N LEU A 402 -9.52 14.25 4.26
CA LEU A 402 -9.38 15.24 3.19
C LEU A 402 -9.33 16.63 3.80
N GLU A 403 -10.00 16.85 4.92
CA GLU A 403 -9.98 18.15 5.57
C GLU A 403 -8.55 18.48 5.98
N VAL A 404 -7.84 17.57 6.64
CA VAL A 404 -6.46 17.86 7.03
C VAL A 404 -5.49 17.82 5.85
N LEU A 405 -5.96 17.31 4.71
CA LEU A 405 -5.11 17.29 3.53
C LEU A 405 -4.97 18.75 3.15
N SER A 406 -6.06 19.50 3.25
CA SER A 406 -6.03 20.91 2.94
C SER A 406 -5.02 21.63 3.81
N ASP A 407 -5.06 21.32 5.11
CA ASP A 407 -4.15 21.92 6.05
C ASP A 407 -2.69 21.68 5.69
N ALA A 408 -2.30 20.42 5.48
CA ALA A 408 -0.93 20.06 5.11
C ALA A 408 -0.45 20.84 3.88
N ILE A 409 -1.34 21.01 2.92
CA ILE A 409 -1.03 21.76 1.72
C ILE A 409 -0.81 23.24 2.11
N ALA A 410 -1.83 23.81 2.74
CA ALA A 410 -1.79 25.21 3.18
C ALA A 410 -0.54 25.50 3.98
N ASP A 411 -0.04 24.49 4.68
CA ASP A 411 1.15 24.64 5.50
C ASP A 411 2.46 24.16 4.84
N GLY A 412 2.52 24.16 3.50
CA GLY A 412 3.74 23.77 2.83
C GLY A 412 3.99 22.39 2.23
N ALA A 413 3.13 21.42 2.54
CA ALA A 413 3.29 20.08 1.99
C ALA A 413 2.74 20.11 0.58
N ASN A 414 3.53 19.59 -0.36
CA ASN A 414 3.15 19.54 -1.76
C ASN A 414 2.39 18.26 -2.07
N VAL A 415 1.12 18.21 -1.66
CA VAL A 415 0.30 17.02 -1.88
C VAL A 415 -0.59 17.28 -3.09
N LYS A 416 -0.45 16.44 -4.11
CA LYS A 416 -1.18 16.62 -5.34
C LYS A 416 -2.33 15.67 -5.65
N GLY A 417 -2.74 14.80 -4.71
CA GLY A 417 -3.85 13.91 -5.01
C GLY A 417 -4.28 12.92 -3.95
N TYR A 418 -5.49 12.38 -4.09
CA TYR A 418 -6.08 11.42 -3.15
C TYR A 418 -6.67 10.22 -3.88
N PHE A 419 -6.48 9.02 -3.33
CA PHE A 419 -7.00 7.79 -3.88
C PHE A 419 -7.72 7.01 -2.77
N ILE A 420 -9.03 7.03 -2.78
CA ILE A 420 -9.77 6.27 -1.80
C ILE A 420 -9.58 4.78 -2.13
N TRP A 421 -9.61 3.94 -1.09
CA TRP A 421 -9.48 2.51 -1.27
C TRP A 421 -10.76 1.85 -0.78
N SER A 422 -11.46 1.07 -1.62
CA SER A 422 -11.10 0.78 -3.00
C SER A 422 -12.07 1.57 -3.89
N LEU A 423 -11.98 1.41 -5.20
CA LEU A 423 -12.88 2.13 -6.11
C LEU A 423 -14.23 1.47 -5.98
N MET A 424 -14.26 0.18 -6.26
CA MET A 424 -15.47 -0.61 -6.11
C MET A 424 -15.07 -1.68 -5.10
N ASP A 425 -16.03 -2.39 -4.53
CA ASP A 425 -15.71 -3.43 -3.54
C ASP A 425 -14.82 -4.53 -4.09
N VAL A 426 -13.82 -4.92 -3.30
CA VAL A 426 -12.89 -5.98 -3.70
C VAL A 426 -12.69 -7.02 -2.57
N PHE A 427 -12.04 -8.11 -2.93
CA PHE A 427 -11.73 -9.20 -2.02
C PHE A 427 -10.76 -8.64 -0.95
N SER A 428 -10.83 -9.17 0.27
CA SER A 428 -9.94 -8.73 1.36
C SER A 428 -9.02 -9.85 1.83
N TRP A 429 -7.75 -9.52 2.04
CA TRP A 429 -6.76 -10.51 2.47
C TRP A 429 -7.12 -11.27 3.74
N SER A 430 -7.42 -10.53 4.80
CA SER A 430 -7.76 -11.11 6.09
C SER A 430 -9.26 -11.24 6.32
N ASN A 431 -10.04 -10.49 5.54
CA ASN A 431 -11.47 -10.49 5.79
C ASN A 431 -12.44 -10.99 4.74
N GLY A 432 -11.91 -11.48 3.63
CA GLY A 432 -12.76 -11.99 2.57
C GLY A 432 -13.59 -10.88 1.97
N TYR A 433 -14.75 -11.22 1.44
CA TYR A 433 -15.61 -10.23 0.81
C TYR A 433 -16.51 -9.48 1.80
N GLU A 434 -16.18 -9.53 3.08
CA GLU A 434 -16.98 -8.86 4.10
C GLU A 434 -16.60 -7.41 4.35
N LYS A 435 -15.29 -7.16 4.26
CA LYS A 435 -14.75 -5.83 4.47
C LYS A 435 -14.80 -4.98 3.20
N ARG A 436 -15.96 -4.39 2.96
CA ARG A 436 -16.22 -3.54 1.82
C ARG A 436 -15.65 -2.14 2.03
N TYR A 437 -14.85 -1.70 1.07
CA TYR A 437 -14.17 -0.40 1.11
C TYR A 437 -14.54 0.57 0.00
N GLY A 438 -15.10 0.06 -1.09
CA GLY A 438 -15.40 0.89 -2.23
C GLY A 438 -16.54 1.88 -2.30
N LEU A 439 -16.41 2.80 -3.27
CA LEU A 439 -17.39 3.84 -3.55
C LEU A 439 -18.58 3.21 -4.27
N PHE A 440 -18.33 2.05 -4.90
CA PHE A 440 -19.35 1.32 -5.64
C PHE A 440 -19.46 -0.08 -5.05
N TYR A 441 -20.66 -0.44 -4.68
CA TYR A 441 -20.93 -1.72 -4.09
C TYR A 441 -21.02 -2.74 -5.22
N VAL A 442 -20.27 -3.82 -5.07
CA VAL A 442 -20.29 -4.88 -6.05
C VAL A 442 -21.05 -6.05 -5.48
N ASP A 443 -22.16 -6.36 -6.12
CA ASP A 443 -22.94 -7.50 -5.68
C ASP A 443 -22.09 -8.70 -6.11
N PHE A 444 -21.28 -9.23 -5.21
CA PHE A 444 -20.40 -10.36 -5.56
C PHE A 444 -21.05 -11.62 -6.15
N ASP A 445 -22.37 -11.74 -6.02
CA ASP A 445 -23.08 -12.91 -6.52
C ASP A 445 -23.47 -12.70 -7.97
N THR A 446 -23.58 -11.45 -8.37
CA THR A 446 -23.96 -11.10 -9.73
C THR A 446 -22.96 -10.16 -10.40
N GLN A 447 -21.88 -9.84 -9.66
CA GLN A 447 -20.82 -8.93 -10.10
C GLN A 447 -21.37 -7.60 -10.61
N GLU A 448 -22.46 -7.16 -9.99
CA GLU A 448 -23.12 -5.92 -10.33
C GLU A 448 -22.54 -4.78 -9.53
N ARG A 449 -22.64 -3.57 -10.08
CA ARG A 449 -22.14 -2.39 -9.40
C ARG A 449 -23.29 -1.43 -9.17
N TYR A 450 -23.44 -1.00 -7.93
CA TYR A 450 -24.46 -0.04 -7.53
C TYR A 450 -23.66 1.04 -6.82
N PRO A 451 -23.73 2.29 -7.27
CA PRO A 451 -22.95 3.31 -6.58
C PRO A 451 -23.56 3.61 -5.21
N LYS A 452 -22.70 3.57 -4.17
CA LYS A 452 -23.10 3.84 -2.79
C LYS A 452 -23.25 5.35 -2.60
N LYS A 453 -23.73 5.76 -1.42
CA LYS A 453 -23.91 7.18 -1.12
C LYS A 453 -22.59 7.95 -1.12
N SER A 454 -21.50 7.26 -0.81
CA SER A 454 -20.19 7.90 -0.79
C SER A 454 -19.77 8.31 -2.20
N ALA A 455 -20.28 7.61 -3.23
CA ALA A 455 -19.94 7.95 -4.62
C ALA A 455 -20.49 9.34 -4.94
N HIS A 456 -21.81 9.47 -4.89
CA HIS A 456 -22.49 10.74 -5.16
C HIS A 456 -21.89 11.85 -4.31
N TRP A 457 -21.42 11.50 -3.12
CA TRP A 457 -20.79 12.51 -2.28
C TRP A 457 -19.50 12.89 -2.99
N TYR A 458 -18.63 11.89 -3.20
CA TYR A 458 -17.33 12.07 -3.82
C TYR A 458 -17.36 12.93 -5.06
N LYS A 459 -18.35 12.69 -5.90
CA LYS A 459 -18.53 13.43 -7.15
C LYS A 459 -18.53 14.93 -6.90
N LYS A 460 -19.50 15.40 -6.12
CA LYS A 460 -19.63 16.81 -5.81
C LYS A 460 -18.38 17.34 -5.11
N LEU A 461 -17.58 16.43 -4.58
CA LEU A 461 -16.32 16.84 -3.93
C LEU A 461 -15.33 17.05 -5.08
N ALA A 462 -15.25 16.05 -5.94
CA ALA A 462 -14.33 16.08 -7.06
C ALA A 462 -14.57 17.26 -7.98
N GLU A 463 -15.83 17.60 -8.20
CA GLU A 463 -16.13 18.70 -9.12
C GLU A 463 -16.34 20.10 -8.52
N THR A 464 -15.95 20.25 -7.27
CA THR A 464 -16.11 21.54 -6.61
C THR A 464 -15.00 21.80 -5.62
N GLN A 465 -14.14 20.79 -5.42
CA GLN A 465 -13.01 20.87 -4.48
C GLN A 465 -13.37 21.60 -3.21
N VAL A 466 -14.58 21.35 -2.74
CA VAL A 466 -15.08 21.93 -1.51
C VAL A 466 -15.39 20.74 -0.63
N ILE A 467 -14.70 20.64 0.50
CA ILE A 467 -14.97 19.53 1.39
C ILE A 467 -16.13 19.90 2.29
N GLU A 468 -17.24 19.18 2.12
CA GLU A 468 -18.43 19.39 2.90
C GLU A 468 -19.49 18.33 2.62
S SO4 B . -7.70 -5.69 4.37
O1 SO4 B . -8.56 -5.80 3.23
O2 SO4 B . -7.62 -4.33 4.82
O3 SO4 B . -8.18 -6.56 5.40
O4 SO4 B . -6.39 -6.12 3.92
#